data_4HB9
#
_entry.id   4HB9
#
_cell.length_a   71.008
_cell.length_b   71.008
_cell.length_c   157.910
_cell.angle_alpha   90.000
_cell.angle_beta   90.000
_cell.angle_gamma   120.000
#
_symmetry.space_group_name_H-M   'P 32 2 1'
#
loop_
_entity.id
_entity.type
_entity.pdbx_description
1 polymer 'Similarities with probable monooxygenase'
2 non-polymer 'FLAVIN-ADENINE DINUCLEOTIDE'
3 non-polymer 1,2-ETHANEDIOL
4 water water
#
_entity_poly.entity_id   1
_entity_poly.type   'polypeptide(L)'
_entity_poly.pdbx_seq_one_letter_code
;S(MSE)HVGIIGAGIGGTCLAHGLRKHGIKVTIYERNSAASSILPGYGIHINSFGKQALQECLPAENWLAFEEASRYIGG
QSRFYNER(MSE)RLLAVHGGISP(MSE)AGKIISEQRLSISRTELKEILNKGLANTIQWNKTFVRYEHIENGGIKIFFA
DGSHENVDVLVGADGSNSKVRKQYLPFIERFDVGVS(MSE)IIGRARLTPALTALLPQNFRDGTPNSIVPKSPDWLFIS
(MSE)WRAPVNIHVEASLAEIDNFIVWVYVAATDSLPDNITDFSAEALCDLVQSR(MSE)ISWDPSLHTLVQQSD(MSE)
ENISPLHLRS(MSE)PHLLPWKSSTVTLLGDAIHN(MSE)TP(MSE)TGSGANTALRDALLLTQKLASVASGHEELVKAI
SDYEQQ(MSE)RAYANEIVGISLRSAQNAVIHFSIPPLKQRHLSIRRNKSQSHQHRR
;
_entity_poly.pdbx_strand_id   A
#
loop_
_chem_comp.id
_chem_comp.type
_chem_comp.name
_chem_comp.formula
EDO non-polymer 1,2-ETHANEDIOL 'C2 H6 O2'
FAD non-polymer 'FLAVIN-ADENINE DINUCLEOTIDE' 'C27 H33 N9 O15 P2'
#
# COMPACT_ATOMS: atom_id res chain seq x y z
N SER A 1 -9.89 -27.39 11.62
CA SER A 1 -11.38 -27.34 11.49
C SER A 1 -11.97 -25.92 11.47
N MSE A 2 -11.57 -25.07 12.42
CA MSE A 2 -11.76 -23.60 12.35
C MSE A 2 -11.57 -23.13 10.92
O MSE A 2 -10.53 -23.39 10.32
CB MSE A 2 -10.73 -22.95 13.28
CG MSE A 2 -10.59 -21.42 13.24
SE MSE A 2 -9.21 -20.80 14.50
CE MSE A 2 -7.50 -21.30 13.66
N HIS A 3 -12.56 -22.48 10.35
CA HIS A 3 -12.47 -22.00 8.98
C HIS A 3 -12.32 -20.49 9.05
N VAL A 4 -11.22 -19.97 8.53
CA VAL A 4 -10.99 -18.52 8.51
C VAL A 4 -11.44 -18.00 7.16
N GLY A 5 -12.32 -17.00 7.19
CA GLY A 5 -12.75 -16.31 5.97
C GLY A 5 -12.09 -14.96 5.93
N ILE A 6 -11.47 -14.64 4.78
CA ILE A 6 -10.78 -13.37 4.58
C ILE A 6 -11.49 -12.60 3.47
N ILE A 7 -11.87 -11.36 3.74
CA ILE A 7 -12.40 -10.48 2.70
C ILE A 7 -11.23 -9.70 2.10
N GLY A 8 -10.97 -9.95 0.81
CA GLY A 8 -9.90 -9.25 0.09
C GLY A 8 -8.67 -10.09 -0.22
N ALA A 9 -8.43 -10.31 -1.51
CA ALA A 9 -7.20 -10.92 -1.99
C ALA A 9 -6.22 -9.83 -2.41
N GLY A 10 -5.93 -8.93 -1.47
CA GLY A 10 -4.89 -7.92 -1.64
C GLY A 10 -3.58 -8.38 -1.06
N ILE A 11 -2.71 -7.43 -0.77
CA ILE A 11 -1.40 -7.77 -0.25
C ILE A 11 -1.50 -8.54 1.06
N GLY A 12 -2.25 -7.98 2.02
CA GLY A 12 -2.40 -8.59 3.33
C GLY A 12 -3.14 -9.92 3.34
N GLY A 13 -4.26 -9.97 2.62
CA GLY A 13 -5.13 -11.15 2.65
C GLY A 13 -4.48 -12.38 2.05
N THR A 14 -3.78 -12.19 0.95
CA THR A 14 -3.06 -13.30 0.32
C THR A 14 -1.92 -13.77 1.19
N CYS A 15 -1.14 -12.83 1.75
CA CYS A 15 -0.05 -13.22 2.62
C CYS A 15 -0.61 -14.02 3.80
N LEU A 16 -1.69 -13.52 4.39
CA LEU A 16 -2.34 -14.22 5.51
C LEU A 16 -2.76 -15.64 5.12
N ALA A 17 -3.38 -15.81 3.97
CA ALA A 17 -3.86 -17.12 3.57
C ALA A 17 -2.71 -18.10 3.40
N HIS A 18 -1.59 -17.65 2.82
CA HIS A 18 -0.40 -18.47 2.77
C HIS A 18 0.08 -18.92 4.13
N GLY A 19 0.11 -17.96 5.06
CA GLY A 19 0.57 -18.26 6.40
C GLY A 19 -0.32 -19.26 7.12
N LEU A 20 -1.62 -19.07 7.02
CA LEU A 20 -2.57 -19.99 7.68
C LEU A 20 -2.47 -21.40 7.08
N ARG A 21 -2.37 -21.49 5.76
CA ARG A 21 -2.16 -22.80 5.12
C ARG A 21 -0.89 -23.49 5.63
N LYS A 22 0.18 -22.70 5.79
CA LYS A 22 1.42 -23.25 6.34
C LYS A 22 1.22 -23.90 7.69
N HIS A 23 0.31 -23.34 8.49
CA HIS A 23 0.10 -23.87 9.85
C HIS A 23 -1.08 -24.83 9.92
N GLY A 24 -1.60 -25.22 8.76
CA GLY A 24 -2.62 -26.25 8.64
C GLY A 24 -4.04 -25.77 8.90
N ILE A 25 -4.26 -24.47 8.75
CA ILE A 25 -5.57 -23.87 9.03
C ILE A 25 -6.36 -23.72 7.76
N LYS A 26 -7.65 -24.02 7.83
CA LYS A 26 -8.53 -23.92 6.68
C LYS A 26 -8.85 -22.45 6.43
N VAL A 27 -8.72 -22.02 5.18
CA VAL A 27 -8.85 -20.59 4.86
C VAL A 27 -9.47 -20.42 3.49
N THR A 28 -10.35 -19.43 3.40
CA THR A 28 -10.91 -19.00 2.14
C THR A 28 -10.82 -17.48 2.05
N ILE A 29 -10.54 -16.99 0.84
CA ILE A 29 -10.55 -15.56 0.57
C ILE A 29 -11.67 -15.24 -0.37
N TYR A 30 -12.41 -14.18 -0.06
CA TYR A 30 -13.47 -13.68 -0.93
C TYR A 30 -13.04 -12.31 -1.46
N GLU A 31 -12.93 -12.23 -2.78
CA GLU A 31 -12.42 -11.05 -3.48
C GLU A 31 -13.44 -10.50 -4.44
N ARG A 32 -13.63 -9.18 -4.41
CA ARG A 32 -14.66 -8.55 -5.24
C ARG A 32 -14.32 -8.57 -6.74
N ASN A 33 -13.04 -8.47 -7.09
CA ASN A 33 -12.65 -8.45 -8.49
C ASN A 33 -12.68 -9.83 -9.13
N SER A 34 -12.65 -9.83 -10.46
CA SER A 34 -12.45 -11.05 -11.25
C SER A 34 -11.01 -11.49 -11.20
N ALA A 35 -10.75 -12.75 -11.56
CA ALA A 35 -9.41 -13.35 -11.49
C ALA A 35 -8.41 -12.68 -12.45
N ALA A 36 -8.92 -12.16 -13.56
CA ALA A 36 -8.10 -11.44 -14.51
C ALA A 36 -8.52 -9.99 -14.45
N SER A 37 -7.56 -9.10 -14.24
CA SER A 37 -7.89 -7.68 -14.20
C SER A 37 -7.85 -7.16 -15.64
N SER A 38 -8.52 -6.05 -15.88
CA SER A 38 -8.47 -5.38 -17.18
C SER A 38 -7.24 -4.46 -17.26
N ILE A 39 -6.99 -3.76 -16.15
CA ILE A 39 -5.92 -2.80 -16.09
C ILE A 39 -4.94 -3.25 -15.01
N LEU A 40 -3.65 -3.07 -15.25
CA LEU A 40 -2.66 -3.39 -14.24
C LEU A 40 -2.40 -2.14 -13.40
N PRO A 41 -2.06 -2.30 -12.11
CA PRO A 41 -1.54 -1.16 -11.38
C PRO A 41 -0.24 -0.64 -12.03
N GLY A 42 -0.04 0.67 -12.00
CA GLY A 42 1.09 1.31 -12.67
C GLY A 42 2.29 1.57 -11.78
N TYR A 43 2.24 1.11 -10.55
CA TYR A 43 3.25 1.49 -9.58
C TYR A 43 4.00 0.34 -8.97
N GLY A 44 5.06 0.73 -8.27
CA GLY A 44 5.93 -0.18 -7.57
C GLY A 44 5.75 -0.13 -6.06
N ILE A 45 6.22 -1.14 -5.39
CA ILE A 45 6.19 -1.22 -3.94
C ILE A 45 7.62 -1.46 -3.47
N HIS A 46 8.03 -0.76 -2.42
CA HIS A 46 9.31 -0.98 -1.79
C HIS A 46 9.08 -1.79 -0.54
N ILE A 47 9.72 -2.94 -0.47
CA ILE A 47 9.57 -3.85 0.65
C ILE A 47 10.69 -3.63 1.68
N ASN A 48 10.30 -3.42 2.94
CA ASN A 48 11.29 -3.21 3.98
C ASN A 48 11.47 -4.49 4.81
N SER A 49 12.20 -4.41 5.93
CA SER A 49 12.54 -5.61 6.67
C SER A 49 11.32 -6.34 7.23
N PHE A 50 10.27 -5.60 7.55
CA PHE A 50 9.05 -6.21 8.08
C PHE A 50 8.30 -6.96 7.00
N GLY A 51 8.16 -6.33 5.83
CA GLY A 51 7.57 -6.96 4.67
C GLY A 51 8.33 -8.17 4.19
N LYS A 52 9.65 -8.06 4.17
CA LYS A 52 10.52 -9.13 3.73
C LYS A 52 10.39 -10.35 4.63
N GLN A 53 10.41 -10.13 5.93
CA GLN A 53 10.27 -11.25 6.89
C GLN A 53 8.90 -11.92 6.77
N ALA A 54 7.86 -11.10 6.63
CA ALA A 54 6.50 -11.62 6.47
C ALA A 54 6.41 -12.53 5.24
N LEU A 55 6.96 -12.06 4.14
CA LEU A 55 6.93 -12.84 2.91
C LEU A 55 7.73 -14.13 3.06
N GLN A 56 8.91 -14.05 3.64
CA GLN A 56 9.78 -15.22 3.70
C GLN A 56 9.18 -16.27 4.65
N GLU A 57 8.56 -15.82 5.73
CA GLU A 57 7.96 -16.72 6.73
CA GLU A 57 7.94 -16.72 6.73
C GLU A 57 6.57 -17.26 6.34
N CYS A 58 5.85 -16.58 5.45
CA CYS A 58 4.51 -17.06 5.07
C CYS A 58 4.44 -17.80 3.74
N LEU A 59 5.23 -17.34 2.78
CA LEU A 59 5.13 -17.82 1.40
C LEU A 59 5.75 -19.22 1.26
N PRO A 60 5.15 -20.09 0.45
CA PRO A 60 5.86 -21.32 0.04
C PRO A 60 7.18 -20.96 -0.59
N ALA A 61 8.15 -21.86 -0.50
CA ALA A 61 9.47 -21.57 -0.99
C ALA A 61 9.47 -21.19 -2.47
N GLU A 62 8.61 -21.79 -3.28
CA GLU A 62 8.64 -21.46 -4.71
C GLU A 62 8.20 -20.00 -4.95
N ASN A 63 7.22 -19.53 -4.19
CA ASN A 63 6.79 -18.11 -4.26
C ASN A 63 7.92 -17.19 -3.76
N TRP A 64 8.56 -17.56 -2.67
CA TRP A 64 9.64 -16.74 -2.12
C TRP A 64 10.78 -16.61 -3.15
N LEU A 65 11.16 -17.71 -3.77
CA LEU A 65 12.22 -17.61 -4.79
C LEU A 65 11.81 -16.72 -5.96
N ALA A 66 10.54 -16.77 -6.37
CA ALA A 66 10.04 -15.91 -7.45
C ALA A 66 10.10 -14.42 -7.05
N PHE A 67 9.80 -14.14 -5.81
CA PHE A 67 9.95 -12.81 -5.25
C PHE A 67 11.39 -12.31 -5.30
N GLU A 68 12.33 -13.14 -4.87
CA GLU A 68 13.74 -12.77 -4.90
C GLU A 68 14.17 -12.49 -6.34
N GLU A 69 13.72 -13.32 -7.27
CA GLU A 69 14.02 -13.18 -8.70
C GLU A 69 13.46 -11.88 -9.31
N ALA A 70 12.23 -11.51 -8.92
CA ALA A 70 11.57 -10.36 -9.53
C ALA A 70 12.00 -9.01 -8.92
N SER A 71 12.39 -9.01 -7.65
CA SER A 71 12.73 -7.79 -6.99
C SER A 71 14.15 -7.34 -7.34
N ARG A 72 14.47 -6.09 -7.00
CA ARG A 72 15.80 -5.48 -7.12
C ARG A 72 16.03 -4.66 -5.85
N TYR A 73 17.28 -4.44 -5.51
CA TYR A 73 17.63 -3.55 -4.38
C TYR A 73 17.38 -2.07 -4.71
N ILE A 74 16.81 -1.35 -3.76
CA ILE A 74 16.62 0.09 -3.88
C ILE A 74 17.23 0.70 -2.63
N GLY A 75 17.75 1.92 -2.79
CA GLY A 75 18.89 2.38 -2.01
C GLY A 75 18.64 3.12 -0.71
N GLY A 76 19.77 3.47 -0.07
CA GLY A 76 19.80 4.38 1.08
C GLY A 76 20.63 5.61 0.71
N GLN A 77 21.00 6.39 1.71
CA GLN A 77 21.73 7.67 1.55
C GLN A 77 20.84 8.80 1.01
N SER A 78 19.56 8.80 1.37
CA SER A 78 18.61 9.81 0.88
C SER A 78 19.18 11.23 0.90
N ARG A 79 19.14 11.90 -0.25
CA ARG A 79 19.75 13.20 -0.42
C ARG A 79 18.73 14.34 -0.37
N PHE A 80 19.18 15.51 0.06
CA PHE A 80 18.31 16.66 0.20
C PHE A 80 18.91 17.81 -0.56
N TYR A 81 18.09 18.44 -1.42
CA TYR A 81 18.54 19.60 -2.19
C TYR A 81 17.58 20.73 -2.01
N ASN A 82 18.03 21.95 -2.25
CA ASN A 82 17.09 23.03 -2.46
C ASN A 82 16.57 22.96 -3.89
N GLU A 83 15.81 23.95 -4.30
CA GLU A 83 15.20 23.90 -5.61
C GLU A 83 16.13 24.41 -6.74
N ARG A 84 17.36 24.76 -6.40
CA ARG A 84 18.32 25.26 -7.38
C ARG A 84 19.52 24.32 -7.41
N MSE A 85 19.22 23.03 -7.19
CA MSE A 85 20.24 21.99 -7.31
CA MSE A 85 20.14 21.87 -7.13
C MSE A 85 21.37 22.04 -6.30
O MSE A 85 22.41 21.42 -6.53
CB MSE A 85 20.83 22.10 -8.73
CB MSE A 85 20.34 21.20 -8.48
CG MSE A 85 21.08 20.73 -9.38
CG MSE A 85 19.03 20.64 -9.06
SE MSE A 85 22.05 20.96 -11.08
SE MSE A 85 18.14 19.19 -8.03
CE MSE A 85 23.02 22.63 -10.66
CE MSE A 85 19.63 17.91 -8.09
N ARG A 86 21.23 22.82 -5.23
CA ARG A 86 22.27 22.87 -4.19
C ARG A 86 22.04 21.75 -3.17
N LEU A 87 23.02 20.85 -3.05
CA LEU A 87 22.98 19.79 -2.04
C LEU A 87 22.96 20.37 -0.64
N LEU A 88 21.95 20.00 0.15
CA LEU A 88 21.80 20.45 1.54
C LEU A 88 22.32 19.44 2.56
N ALA A 89 22.04 18.17 2.30
CA ALA A 89 22.36 17.10 3.24
C ALA A 89 22.26 15.76 2.53
N VAL A 90 23.06 14.80 3.00
CA VAL A 90 23.12 13.48 2.40
C VAL A 90 23.16 12.41 3.51
N GLN A 105 18.58 -0.42 2.82
CA GLN A 105 18.53 -1.14 1.54
C GLN A 105 17.24 -1.97 1.39
N ARG A 106 16.28 -1.45 0.64
CA ARG A 106 14.98 -2.10 0.49
C ARG A 106 14.92 -2.96 -0.78
N LEU A 107 13.80 -3.67 -0.94
CA LEU A 107 13.54 -4.45 -2.14
C LEU A 107 12.44 -3.78 -2.95
N SER A 108 12.69 -3.61 -4.23
CA SER A 108 11.79 -2.90 -5.10
C SER A 108 11.17 -3.89 -6.07
N ILE A 109 9.85 -3.88 -6.17
CA ILE A 109 9.13 -4.77 -7.08
C ILE A 109 7.90 -4.05 -7.61
N SER A 110 7.38 -4.46 -8.77
CA SER A 110 6.14 -3.86 -9.25
C SER A 110 5.00 -4.44 -8.42
N ARG A 111 3.95 -3.64 -8.25
CA ARG A 111 2.74 -4.18 -7.63
C ARG A 111 2.19 -5.36 -8.42
N THR A 112 2.21 -5.28 -9.75
CA THR A 112 1.66 -6.38 -10.56
C THR A 112 2.43 -7.70 -10.33
N GLU A 113 3.76 -7.66 -10.32
CA GLU A 113 4.52 -8.89 -10.04
C GLU A 113 4.30 -9.42 -8.64
N LEU A 114 4.28 -8.53 -7.65
CA LEU A 114 4.08 -8.93 -6.29
C LEU A 114 2.74 -9.64 -6.16
N LYS A 115 1.70 -9.08 -6.77
CA LYS A 115 0.36 -9.74 -6.71
C LYS A 115 0.33 -11.11 -7.39
N GLU A 116 0.96 -11.22 -8.54
CA GLU A 116 1.04 -12.52 -9.23
C GLU A 116 1.74 -13.57 -8.38
N ILE A 117 2.81 -13.16 -7.68
CA ILE A 117 3.53 -14.02 -6.78
C ILE A 117 2.72 -14.41 -5.55
N LEU A 118 2.05 -13.42 -4.97
CA LEU A 118 1.12 -13.68 -3.87
C LEU A 118 -0.06 -14.58 -4.28
N ASN A 119 -0.57 -14.41 -5.49
CA ASN A 119 -1.71 -15.22 -5.94
C ASN A 119 -1.35 -16.67 -6.27
N LYS A 120 -0.07 -16.93 -6.58
CA LYS A 120 0.35 -18.25 -6.99
C LYS A 120 0.14 -19.22 -5.82
N GLY A 121 -0.49 -20.36 -6.08
CA GLY A 121 -0.73 -21.34 -5.03
C GLY A 121 -2.07 -21.15 -4.34
N LEU A 122 -2.76 -20.03 -4.61
CA LEU A 122 -4.06 -19.73 -4.01
C LEU A 122 -5.23 -19.85 -4.99
N ALA A 123 -5.04 -20.52 -6.13
CA ALA A 123 -6.08 -20.54 -7.17
C ALA A 123 -7.39 -21.14 -6.66
N ASN A 124 -7.28 -22.10 -5.77
CA ASN A 124 -8.46 -22.77 -5.24
C ASN A 124 -8.77 -22.31 -3.77
N THR A 125 -8.13 -21.21 -3.35
CA THR A 125 -8.42 -20.55 -2.07
C THR A 125 -9.22 -19.26 -2.29
N ILE A 126 -8.91 -18.55 -3.37
CA ILE A 126 -9.54 -17.26 -3.66
C ILE A 126 -10.82 -17.50 -4.40
N GLN A 127 -11.91 -16.98 -3.84
CA GLN A 127 -13.21 -17.00 -4.47
C GLN A 127 -13.43 -15.62 -5.09
N TRP A 128 -13.36 -15.58 -6.42
CA TRP A 128 -13.44 -14.34 -7.16
C TRP A 128 -14.88 -13.90 -7.29
N ASN A 129 -15.08 -12.62 -7.60
CA ASN A 129 -16.41 -12.04 -7.83
C ASN A 129 -17.34 -12.15 -6.63
N LYS A 130 -16.77 -11.99 -5.45
CA LYS A 130 -17.47 -12.10 -4.21
C LYS A 130 -17.29 -10.79 -3.47
N THR A 131 -18.30 -9.92 -3.58
CA THR A 131 -18.26 -8.61 -2.93
C THR A 131 -18.95 -8.68 -1.58
N PHE A 132 -18.17 -8.57 -0.52
CA PHE A 132 -18.70 -8.53 0.83
C PHE A 132 -19.64 -7.33 0.99
N VAL A 133 -20.78 -7.58 1.62
CA VAL A 133 -21.76 -6.53 1.95
C VAL A 133 -21.96 -6.41 3.46
N ARG A 134 -22.13 -7.53 4.16
CA ARG A 134 -22.26 -7.53 5.62
C ARG A 134 -22.05 -8.90 6.22
N TYR A 135 -21.90 -8.94 7.53
CA TYR A 135 -21.88 -10.19 8.25
C TYR A 135 -22.91 -10.21 9.38
N GLU A 136 -23.24 -11.42 9.81
CA GLU A 136 -24.10 -11.66 10.96
C GLU A 136 -23.51 -12.74 11.85
N HIS A 137 -23.51 -12.52 13.15
CA HIS A 137 -23.15 -13.60 14.08
C HIS A 137 -24.25 -14.65 14.10
N ILE A 138 -23.86 -15.92 14.05
CA ILE A 138 -24.80 -17.04 14.15
C ILE A 138 -24.82 -17.49 15.61
N GLU A 139 -26.02 -17.83 16.09
CA GLU A 139 -26.27 -18.13 17.51
C GLU A 139 -25.46 -19.32 18.05
N ASN A 140 -25.21 -20.31 17.19
CA ASN A 140 -24.41 -21.48 17.56
C ASN A 140 -22.90 -21.19 17.63
N GLY A 141 -22.52 -19.92 17.55
CA GLY A 141 -21.15 -19.54 17.23
C GLY A 141 -21.03 -19.53 15.71
N GLY A 142 -20.07 -18.78 15.19
CA GLY A 142 -19.86 -18.73 13.73
C GLY A 142 -20.38 -17.44 13.13
N ILE A 143 -19.92 -17.14 11.91
CA ILE A 143 -20.24 -15.89 11.25
C ILE A 143 -20.77 -16.16 9.86
N LYS A 144 -21.89 -15.54 9.55
CA LYS A 144 -22.50 -15.67 8.25
C LYS A 144 -22.09 -14.44 7.45
N ILE A 145 -21.48 -14.66 6.29
CA ILE A 145 -21.05 -13.58 5.41
C ILE A 145 -22.02 -13.47 4.24
N PHE A 146 -22.49 -12.25 3.94
CA PHE A 146 -23.35 -12.00 2.79
C PHE A 146 -22.62 -11.25 1.69
N PHE A 147 -22.76 -11.72 0.46
CA PHE A 147 -22.16 -11.08 -0.70
C PHE A 147 -23.18 -10.37 -1.59
N ALA A 148 -22.68 -9.45 -2.41
CA ALA A 148 -23.55 -8.56 -3.21
C ALA A 148 -24.43 -9.32 -4.21
N ASP A 149 -23.94 -10.47 -4.66
CA ASP A 149 -24.70 -11.30 -5.61
C ASP A 149 -25.79 -12.12 -4.92
N GLY A 150 -25.89 -11.98 -3.60
CA GLY A 150 -26.96 -12.67 -2.84
C GLY A 150 -26.53 -14.01 -2.25
N SER A 151 -25.29 -14.41 -2.48
CA SER A 151 -24.77 -15.62 -1.88
C SER A 151 -24.33 -15.36 -0.44
N HIS A 152 -24.06 -16.45 0.28
CA HIS A 152 -23.54 -16.40 1.64
C HIS A 152 -22.65 -17.59 1.94
N GLU A 153 -21.78 -17.41 2.93
CA GLU A 153 -20.95 -18.48 3.44
C GLU A 153 -20.84 -18.35 4.95
N ASN A 154 -20.58 -19.46 5.62
CA ASN A 154 -20.39 -19.46 7.05
C ASN A 154 -18.92 -19.77 7.37
N VAL A 155 -18.34 -19.00 8.28
CA VAL A 155 -16.98 -19.19 8.72
C VAL A 155 -16.90 -19.07 10.25
N ASP A 156 -15.75 -19.41 10.81
CA ASP A 156 -15.54 -19.33 12.27
C ASP A 156 -14.81 -18.06 12.70
N VAL A 157 -14.03 -17.48 11.79
CA VAL A 157 -13.27 -16.26 12.05
C VAL A 157 -13.38 -15.44 10.77
N LEU A 158 -13.64 -14.15 10.90
CA LEU A 158 -13.75 -13.27 9.74
C LEU A 158 -12.65 -12.24 9.80
N VAL A 159 -11.86 -12.15 8.73
CA VAL A 159 -10.81 -11.14 8.70
C VAL A 159 -11.08 -10.16 7.58
N GLY A 160 -11.22 -8.87 7.92
CA GLY A 160 -11.38 -7.82 6.94
C GLY A 160 -10.00 -7.38 6.49
N ALA A 161 -9.63 -7.82 5.29
CA ALA A 161 -8.39 -7.38 4.61
C ALA A 161 -8.78 -6.64 3.33
N ASP A 162 -9.83 -5.82 3.46
CA ASP A 162 -10.53 -5.29 2.29
C ASP A 162 -10.23 -3.83 1.97
N GLY A 163 -9.10 -3.32 2.46
CA GLY A 163 -8.58 -2.05 1.98
C GLY A 163 -9.10 -0.84 2.74
N SER A 164 -8.70 0.35 2.28
CA SER A 164 -8.88 1.58 3.06
CA SER A 164 -8.89 1.60 3.02
C SER A 164 -10.33 1.93 3.38
N ASN A 165 -11.28 1.64 2.49
CA ASN A 165 -12.70 1.89 2.74
C ASN A 165 -13.46 0.62 3.13
N SER A 166 -12.79 -0.21 3.92
CA SER A 166 -13.28 -1.52 4.32
C SER A 166 -14.70 -1.51 4.88
N LYS A 167 -15.61 -2.23 4.22
CA LYS A 167 -16.96 -2.40 4.73
C LYS A 167 -16.98 -3.24 6.01
N VAL A 168 -16.03 -4.14 6.15
CA VAL A 168 -15.93 -4.93 7.37
C VAL A 168 -15.66 -4.01 8.54
N ARG A 169 -14.67 -3.11 8.40
CA ARG A 169 -14.35 -2.13 9.45
C ARG A 169 -15.55 -1.22 9.72
N LYS A 170 -16.22 -0.80 8.66
CA LYS A 170 -17.34 0.13 8.80
C LYS A 170 -18.47 -0.52 9.62
N GLN A 171 -18.62 -1.84 9.50
CA GLN A 171 -19.64 -2.55 10.25
C GLN A 171 -19.16 -2.86 11.66
N TYR A 172 -17.92 -3.34 11.79
CA TYR A 172 -17.40 -3.80 13.05
C TYR A 172 -17.01 -2.66 13.99
N LEU A 173 -16.36 -1.63 13.45
CA LEU A 173 -15.84 -0.52 14.25
C LEU A 173 -16.31 0.79 13.60
N PRO A 174 -17.64 1.03 13.60
CA PRO A 174 -18.22 2.16 12.88
C PRO A 174 -17.76 3.52 13.34
N PHE A 175 -17.23 3.63 14.55
CA PHE A 175 -16.88 4.94 15.09
C PHE A 175 -15.46 5.41 14.72
N ILE A 176 -14.65 4.54 14.12
CA ILE A 176 -13.36 4.97 13.58
C ILE A 176 -13.58 5.86 12.36
N GLU A 177 -13.14 7.11 12.46
CA GLU A 177 -13.38 8.10 11.41
C GLU A 177 -12.06 8.75 10.97
N ARG A 178 -11.88 8.92 9.66
CA ARG A 178 -10.69 9.57 9.10
C ARG A 178 -10.84 11.08 9.21
N PHE A 179 -9.71 11.79 9.19
CA PHE A 179 -9.75 13.25 9.06
C PHE A 179 -8.82 13.70 7.94
N ASP A 180 -9.07 14.89 7.41
CA ASP A 180 -8.21 15.46 6.39
C ASP A 180 -6.95 16.04 7.02
N VAL A 181 -5.82 15.70 6.45
CA VAL A 181 -4.53 16.14 6.96
C VAL A 181 -4.23 17.60 6.61
N GLY A 182 -4.85 18.10 5.55
CA GLY A 182 -4.55 19.41 5.04
C GLY A 182 -3.40 19.40 4.07
N VAL A 183 -2.93 18.20 3.71
CA VAL A 183 -1.83 18.02 2.75
C VAL A 183 -2.35 17.14 1.61
N SER A 184 -1.96 17.50 0.38
CA SER A 184 -2.31 16.75 -0.81
C SER A 184 -1.07 16.48 -1.64
N MSE A 185 -1.15 15.54 -2.57
CA MSE A 185 0.03 15.22 -3.38
C MSE A 185 -0.38 14.91 -4.80
O MSE A 185 -1.54 14.57 -5.07
CB MSE A 185 0.82 14.06 -2.76
CG MSE A 185 0.10 12.73 -2.71
SE MSE A 185 1.24 11.33 -1.85
CE MSE A 185 2.19 12.28 -0.46
N ILE A 186 0.58 15.05 -5.69
CA ILE A 186 0.44 14.69 -7.09
C ILE A 186 1.63 13.79 -7.40
N ILE A 187 1.36 12.59 -7.90
CA ILE A 187 2.35 11.55 -8.12
C ILE A 187 2.41 11.24 -9.62
N GLY A 188 3.60 11.27 -10.19
CA GLY A 188 3.79 10.86 -11.59
C GLY A 188 4.96 9.91 -11.74
N ARG A 189 5.02 9.24 -12.89
CA ARG A 189 6.12 8.36 -13.20
C ARG A 189 6.64 8.68 -14.57
N ALA A 190 7.94 8.46 -14.76
CA ALA A 190 8.56 8.61 -16.06
C ALA A 190 9.44 7.43 -16.37
N ARG A 191 9.22 6.78 -17.50
CA ARG A 191 10.02 5.63 -17.89
C ARG A 191 11.49 6.00 -18.11
N LEU A 192 12.40 5.24 -17.51
CA LEU A 192 13.83 5.49 -17.69
C LEU A 192 14.32 4.84 -18.95
N THR A 193 14.00 5.50 -20.06
CA THR A 193 14.36 5.03 -21.38
C THR A 193 15.83 5.39 -21.60
N PRO A 194 16.43 4.84 -22.66
CA PRO A 194 17.78 5.27 -23.05
C PRO A 194 17.89 6.80 -23.20
N ALA A 195 16.91 7.42 -23.85
CA ALA A 195 16.93 8.86 -24.07
C ALA A 195 16.84 9.64 -22.77
N LEU A 196 15.86 9.29 -21.93
CA LEU A 196 15.69 10.04 -20.70
C LEU A 196 16.89 9.91 -19.81
N THR A 197 17.49 8.72 -19.79
CA THR A 197 18.70 8.50 -19.03
C THR A 197 19.83 9.47 -19.42
N ALA A 198 19.94 9.75 -20.72
CA ALA A 198 20.93 10.69 -21.21
C ALA A 198 20.68 12.13 -20.77
N LEU A 199 19.42 12.48 -20.58
CA LEU A 199 19.04 13.88 -20.40
C LEU A 199 18.87 14.26 -18.95
N LEU A 200 19.00 13.30 -18.05
CA LEU A 200 18.88 13.58 -16.62
C LEU A 200 20.22 13.37 -15.90
N PRO A 201 20.52 14.18 -14.87
CA PRO A 201 21.77 13.93 -14.13
C PRO A 201 21.77 12.60 -13.36
N GLN A 202 22.97 12.06 -13.05
CA GLN A 202 23.08 10.71 -12.49
C GLN A 202 22.32 10.50 -11.18
N ASN A 203 22.26 11.52 -10.33
CA ASN A 203 21.52 11.40 -9.06
C ASN A 203 20.01 11.13 -9.21
N PHE A 204 19.47 11.31 -10.41
CA PHE A 204 18.07 10.97 -10.66
C PHE A 204 17.88 9.48 -10.96
N ARG A 205 18.96 8.78 -11.30
CA ARG A 205 18.86 7.42 -11.83
C ARG A 205 19.61 6.33 -11.03
N ASP A 206 20.33 6.73 -9.99
CA ASP A 206 21.23 5.81 -9.28
C ASP A 206 20.58 5.00 -8.16
N GLY A 207 19.29 5.22 -7.90
CA GLY A 207 18.58 4.45 -6.89
C GLY A 207 18.57 5.03 -5.48
N THR A 208 19.25 6.16 -5.28
CA THR A 208 19.12 6.87 -4.01
C THR A 208 18.02 7.92 -4.14
N PRO A 209 17.07 7.92 -3.19
CA PRO A 209 15.99 8.92 -3.26
C PRO A 209 16.47 10.35 -3.00
N ASN A 210 15.77 11.31 -3.60
CA ASN A 210 16.10 12.72 -3.47
C ASN A 210 14.87 13.47 -2.99
N SER A 211 15.12 14.46 -2.14
CA SER A 211 14.09 15.40 -1.74
C SER A 211 14.46 16.82 -2.13
N ILE A 212 13.53 17.54 -2.75
CA ILE A 212 13.73 18.91 -3.12
C ILE A 212 12.99 19.74 -2.12
N VAL A 213 13.74 20.60 -1.43
CA VAL A 213 13.19 21.45 -0.38
C VAL A 213 13.24 22.90 -0.81
N PRO A 214 12.12 23.44 -1.32
CA PRO A 214 12.12 24.83 -1.77
C PRO A 214 11.85 25.83 -0.65
N LYS A 215 11.79 27.11 -1.01
CA LYS A 215 11.40 28.16 -0.06
C LYS A 215 9.91 28.21 0.11
N SER A 216 9.18 27.76 -0.90
CA SER A 216 7.74 27.70 -0.81
C SER A 216 7.31 26.54 0.12
N PRO A 217 6.06 26.58 0.61
CA PRO A 217 5.63 25.58 1.57
C PRO A 217 5.18 24.28 0.88
N ASP A 218 6.10 23.65 0.19
CA ASP A 218 5.79 22.44 -0.55
C ASP A 218 7.06 21.65 -0.75
N TRP A 219 6.98 20.53 -1.47
CA TRP A 219 8.08 19.57 -1.46
C TRP A 219 8.03 18.73 -2.71
N LEU A 220 9.17 18.24 -3.16
CA LEU A 220 9.21 17.26 -4.27
C LEU A 220 10.11 16.09 -3.89
N PHE A 221 9.50 14.90 -3.88
CA PHE A 221 10.20 13.68 -3.53
C PHE A 221 10.44 12.91 -4.83
N ILE A 222 11.64 12.38 -5.01
CA ILE A 222 11.99 11.63 -6.22
C ILE A 222 12.56 10.26 -5.87
N SER A 223 12.04 9.20 -6.47
CA SER A 223 12.56 7.87 -6.24
C SER A 223 12.38 7.02 -7.46
N MSE A 224 12.35 5.69 -7.29
CA MSE A 224 12.20 4.80 -8.42
C MSE A 224 11.25 3.68 -8.16
O MSE A 224 11.14 3.20 -7.03
CB MSE A 224 13.58 4.23 -8.76
CG MSE A 224 14.30 5.21 -9.69
SE MSE A 224 16.03 4.49 -10.33
CE MSE A 224 15.31 2.95 -11.31
N TRP A 225 10.53 3.28 -9.20
CA TRP A 225 9.67 2.11 -9.16
C TRP A 225 10.07 1.13 -10.27
N ARG A 226 9.82 -0.14 -10.01
CA ARG A 226 9.67 -1.11 -11.07
C ARG A 226 8.19 -1.22 -11.37
N ALA A 227 7.82 -1.09 -12.63
CA ALA A 227 6.41 -1.00 -13.01
C ALA A 227 6.21 -1.40 -14.47
N PRO A 228 4.99 -1.76 -14.83
CA PRO A 228 4.74 -2.14 -16.21
C PRO A 228 4.72 -0.94 -17.20
N VAL A 229 5.31 -1.14 -18.36
CA VAL A 229 5.35 -0.15 -19.42
C VAL A 229 3.92 0.11 -19.89
N ASN A 230 3.17 -0.96 -20.13
CA ASN A 230 1.81 -0.87 -20.66
C ASN A 230 0.85 -1.50 -19.67
N ILE A 231 0.01 -0.70 -19.03
CA ILE A 231 -0.90 -1.24 -18.00
C ILE A 231 -2.11 -1.99 -18.61
N HIS A 232 -2.20 -2.04 -19.94
CA HIS A 232 -3.36 -2.62 -20.62
C HIS A 232 -3.10 -3.98 -21.20
N VAL A 233 -2.18 -4.74 -20.62
CA VAL A 233 -1.91 -6.12 -21.04
C VAL A 233 -2.23 -7.06 -19.88
N GLU A 234 -2.30 -8.35 -20.18
CA GLU A 234 -2.45 -9.39 -19.16
CA GLU A 234 -2.48 -9.34 -19.10
C GLU A 234 -1.23 -9.35 -18.24
N ALA A 235 -1.46 -9.51 -16.94
CA ALA A 235 -0.41 -9.54 -15.92
C ALA A 235 0.79 -10.39 -16.30
N SER A 236 0.58 -11.61 -16.77
CA SER A 236 1.70 -12.51 -17.05
C SER A 236 2.55 -12.00 -18.21
N LEU A 237 2.01 -11.06 -18.98
CA LEU A 237 2.72 -10.44 -20.09
C LEU A 237 3.24 -9.04 -19.79
N ALA A 238 3.16 -8.60 -18.53
CA ALA A 238 3.58 -7.23 -18.24
C ALA A 238 5.05 -7.09 -18.61
N GLU A 239 5.39 -5.97 -19.21
CA GLU A 239 6.78 -5.62 -19.49
C GLU A 239 7.30 -4.67 -18.41
N ILE A 240 8.19 -5.16 -17.55
CA ILE A 240 8.60 -4.38 -16.38
C ILE A 240 9.84 -3.55 -16.70
N ASP A 241 9.80 -2.27 -16.36
CA ASP A 241 10.96 -1.39 -16.53
C ASP A 241 11.10 -0.49 -15.31
N ASN A 242 12.21 0.22 -15.28
CA ASN A 242 12.50 1.23 -14.28
C ASN A 242 11.80 2.54 -14.62
N PHE A 243 11.16 3.13 -13.61
CA PHE A 243 10.50 4.41 -13.72
C PHE A 243 11.04 5.31 -12.63
N ILE A 244 11.29 6.58 -12.96
CA ILE A 244 11.45 7.58 -11.92
C ILE A 244 10.05 7.93 -11.44
N VAL A 245 9.88 7.98 -10.14
CA VAL A 245 8.63 8.42 -9.58
C VAL A 245 8.89 9.75 -8.92
N TRP A 246 8.00 10.70 -9.16
CA TRP A 246 8.04 11.99 -8.44
C TRP A 246 6.74 12.24 -7.70
N VAL A 247 6.86 12.91 -6.55
CA VAL A 247 5.69 13.20 -5.73
C VAL A 247 5.73 14.65 -5.31
N TYR A 248 4.80 15.44 -5.81
CA TYR A 248 4.72 16.85 -5.43
C TYR A 248 3.76 16.93 -4.27
N VAL A 249 4.22 17.56 -3.19
CA VAL A 249 3.45 17.63 -1.92
C VAL A 249 3.24 19.08 -1.52
N ALA A 250 2.00 19.45 -1.22
CA ALA A 250 1.65 20.82 -0.85
C ALA A 250 0.42 20.84 0.01
N ALA A 251 0.07 22.03 0.50
CA ALA A 251 -1.15 22.17 1.30
C ALA A 251 -2.34 22.00 0.39
N THR A 252 -3.35 21.28 0.88
CA THR A 252 -4.58 21.09 0.14
C THR A 252 -5.22 22.40 -0.27
N ASP A 253 -5.25 23.36 0.65
CA ASP A 253 -5.75 24.72 0.36
C ASP A 253 -4.97 25.49 -0.72
N SER A 254 -3.74 25.05 -1.05
CA SER A 254 -2.94 25.72 -2.08
C SER A 254 -3.20 25.20 -3.49
N LEU A 255 -4.06 24.20 -3.58
CA LEU A 255 -4.41 23.57 -4.85
C LEU A 255 -5.88 23.82 -5.12
N PRO A 256 -6.30 23.77 -6.40
CA PRO A 256 -7.72 23.79 -6.75
C PRO A 256 -8.56 22.82 -5.95
N ASP A 257 -9.77 23.29 -5.59
CA ASP A 257 -10.77 22.49 -4.88
C ASP A 257 -11.01 21.16 -5.55
N ASN A 258 -11.05 21.15 -6.87
CA ASN A 258 -11.37 19.94 -7.62
C ASN A 258 -10.16 19.34 -8.34
N ILE A 259 -9.00 19.45 -7.71
CA ILE A 259 -7.77 18.92 -8.27
C ILE A 259 -7.93 17.44 -8.63
N THR A 260 -8.71 16.68 -7.85
CA THR A 260 -8.85 15.26 -8.14
C THR A 260 -9.59 14.97 -9.47
N ASP A 261 -10.29 15.95 -10.00
CA ASP A 261 -10.93 15.81 -11.32
C ASP A 261 -10.10 16.37 -12.47
N PHE A 262 -8.88 16.85 -12.23
CA PHE A 262 -8.07 17.46 -13.29
C PHE A 262 -7.60 16.38 -14.29
N SER A 263 -7.53 16.72 -15.57
CA SER A 263 -6.88 15.87 -16.56
C SER A 263 -5.40 15.69 -16.21
N ALA A 264 -4.80 14.62 -16.73
CA ALA A 264 -3.38 14.37 -16.50
C ALA A 264 -2.55 15.55 -17.00
N GLU A 265 -2.97 16.14 -18.10
CA GLU A 265 -2.26 17.25 -18.72
CA GLU A 265 -2.23 17.27 -18.71
C GLU A 265 -2.30 18.51 -17.82
N ALA A 266 -3.45 18.74 -17.22
CA ALA A 266 -3.64 19.88 -16.31
C ALA A 266 -2.83 19.68 -14.99
N LEU A 267 -2.76 18.44 -14.51
CA LEU A 267 -1.97 18.11 -13.34
C LEU A 267 -0.50 18.37 -13.62
N CYS A 268 -0.02 17.95 -14.79
CA CYS A 268 1.36 18.20 -15.21
CA CYS A 268 1.36 18.22 -15.20
C CYS A 268 1.65 19.70 -15.26
N ASP A 269 0.79 20.45 -15.95
CA ASP A 269 0.87 21.90 -16.01
C ASP A 269 0.91 22.52 -14.63
N LEU A 270 0.05 22.04 -13.75
CA LEU A 270 0.01 22.62 -12.42
C LEU A 270 1.32 22.44 -11.66
N VAL A 271 1.92 21.25 -11.72
CA VAL A 271 3.15 21.01 -10.98
C VAL A 271 4.27 21.88 -11.58
N GLN A 272 4.34 21.95 -12.90
CA GLN A 272 5.33 22.84 -13.52
C GLN A 272 5.12 24.29 -13.09
N SER A 273 3.87 24.74 -13.00
CA SER A 273 3.61 26.10 -12.50
C SER A 273 4.11 26.31 -11.09
N ARG A 274 4.03 25.28 -10.26
CA ARG A 274 4.54 25.37 -8.89
C ARG A 274 6.07 25.39 -8.84
N MSE A 275 6.73 24.94 -9.91
CA MSE A 275 8.18 24.85 -9.94
C MSE A 275 8.83 25.92 -10.78
O MSE A 275 9.95 25.73 -11.24
CB MSE A 275 8.58 23.48 -10.50
CG MSE A 275 8.09 22.36 -9.59
SE MSE A 275 8.81 20.60 -10.11
CE MSE A 275 8.59 20.60 -12.06
N ILE A 276 8.17 27.05 -10.98
CA ILE A 276 8.77 28.13 -11.77
C ILE A 276 10.01 28.56 -10.98
N SER A 277 11.13 28.57 -11.66
CA SER A 277 12.44 28.95 -11.11
C SER A 277 13.23 27.76 -10.58
N TRP A 278 12.58 26.61 -10.38
CA TRP A 278 13.32 25.45 -9.88
C TRP A 278 14.19 24.91 -11.01
N ASP A 279 15.13 24.07 -10.65
CA ASP A 279 16.09 23.56 -11.58
C ASP A 279 15.47 22.87 -12.79
N PRO A 280 16.02 23.14 -14.00
CA PRO A 280 15.46 22.57 -15.21
C PRO A 280 15.33 21.04 -15.24
N SER A 281 16.20 20.32 -14.55
CA SER A 281 16.13 18.84 -14.52
C SER A 281 14.81 18.36 -13.92
N LEU A 282 14.30 19.11 -12.97
CA LEU A 282 13.04 18.79 -12.34
C LEU A 282 11.92 19.00 -13.34
N HIS A 283 12.04 20.05 -14.15
CA HIS A 283 11.05 20.28 -15.20
C HIS A 283 11.04 19.18 -16.24
N THR A 284 12.24 18.77 -16.65
CA THR A 284 12.42 17.70 -17.64
C THR A 284 11.73 16.40 -17.17
N LEU A 285 11.96 16.07 -15.90
CA LEU A 285 11.33 14.90 -15.30
C LEU A 285 9.81 14.96 -15.42
N VAL A 286 9.23 16.06 -14.99
CA VAL A 286 7.77 16.16 -14.97
C VAL A 286 7.22 16.19 -16.42
N GLN A 287 7.88 16.93 -17.31
CA GLN A 287 7.49 17.00 -18.72
C GLN A 287 7.51 15.63 -19.42
N GLN A 288 8.42 14.75 -19.01
CA GLN A 288 8.57 13.45 -19.64
C GLN A 288 7.81 12.36 -18.95
N SER A 289 6.90 12.74 -18.06
CA SER A 289 6.12 11.74 -17.35
C SER A 289 4.99 11.16 -18.22
N ASP A 290 4.53 10.00 -17.80
CA ASP A 290 3.52 9.20 -18.47
C ASP A 290 2.14 9.80 -18.27
N MSE A 291 1.48 10.25 -19.33
CA MSE A 291 0.16 10.92 -19.21
C MSE A 291 -0.98 10.03 -18.81
O MSE A 291 -2.06 10.53 -18.46
CB MSE A 291 -0.19 11.62 -20.52
CG MSE A 291 0.75 12.80 -20.79
SE MSE A 291 0.87 13.24 -22.73
CE MSE A 291 1.65 11.58 -23.46
N GLU A 292 -0.78 8.72 -18.84
CA GLU A 292 -1.81 7.77 -18.35
C GLU A 292 -1.73 7.43 -16.86
N ASN A 293 -0.65 7.84 -16.19
CA ASN A 293 -0.44 7.45 -14.79
C ASN A 293 -0.01 8.66 -13.94
N ILE A 294 -0.82 9.70 -13.88
CA ILE A 294 -0.57 10.83 -12.94
C ILE A 294 -1.73 10.89 -11.96
N SER A 295 -1.43 10.84 -10.66
CA SER A 295 -2.48 10.68 -9.66
C SER A 295 -2.46 11.79 -8.62
N PRO A 296 -3.57 12.53 -8.49
CA PRO A 296 -3.73 13.44 -7.36
C PRO A 296 -4.39 12.75 -6.18
N LEU A 297 -3.96 13.08 -4.97
CA LEU A 297 -4.47 12.43 -3.75
C LEU A 297 -4.55 13.42 -2.61
N HIS A 298 -5.66 13.42 -1.90
CA HIS A 298 -5.79 14.20 -0.66
C HIS A 298 -5.46 13.28 0.51
N LEU A 299 -4.54 13.70 1.38
CA LEU A 299 -4.11 12.83 2.44
C LEU A 299 -5.10 12.88 3.58
N ARG A 300 -5.49 11.69 4.03
CA ARG A 300 -6.37 11.52 5.16
C ARG A 300 -5.67 10.65 6.20
N SER A 301 -6.03 10.83 7.45
CA SER A 301 -5.40 10.04 8.51
C SER A 301 -6.48 9.67 9.52
N MSE A 302 -6.09 9.09 10.65
CA MSE A 302 -7.08 8.70 11.65
CA MSE A 302 -7.05 8.59 11.65
C MSE A 302 -6.56 8.97 13.01
O MSE A 302 -5.34 9.06 13.22
CB MSE A 302 -7.51 7.24 11.50
CB MSE A 302 -7.17 7.07 11.56
CG MSE A 302 -6.37 6.29 11.82
CG MSE A 302 -5.81 6.36 11.68
SE MSE A 302 -7.05 4.46 11.63
SE MSE A 302 -5.93 4.42 11.42
CE MSE A 302 -6.15 4.19 9.90
CE MSE A 302 -7.84 4.16 11.86
N PRO A 303 -7.47 9.15 13.97
CA PRO A 303 -6.92 9.37 15.28
C PRO A 303 -6.30 8.09 15.86
N HIS A 304 -5.66 8.25 17.00
CA HIS A 304 -5.06 7.17 17.75
C HIS A 304 -6.07 6.04 17.96
N LEU A 305 -5.64 4.81 17.69
CA LEU A 305 -6.52 3.64 17.82
C LEU A 305 -6.55 3.21 19.26
N LEU A 306 -7.74 3.24 19.85
CA LEU A 306 -7.99 2.83 21.23
C LEU A 306 -8.41 1.36 21.22
N PRO A 307 -8.16 0.64 22.32
CA PRO A 307 -8.63 -0.75 22.33
C PRO A 307 -10.12 -0.91 22.11
N TRP A 308 -10.48 -2.01 21.47
CA TRP A 308 -11.86 -2.42 21.35
C TRP A 308 -11.98 -3.84 21.91
N LYS A 309 -13.21 -4.27 22.18
CA LYS A 309 -13.45 -5.62 22.70
C LYS A 309 -13.24 -6.64 21.56
N SER A 310 -12.44 -7.66 21.80
CA SER A 310 -12.09 -8.60 20.75
C SER A 310 -13.21 -9.59 20.50
N SER A 311 -13.29 -10.07 19.27
CA SER A 311 -14.24 -11.10 18.93
C SER A 311 -13.63 -11.95 17.82
N THR A 312 -14.47 -12.76 17.20
CA THR A 312 -14.04 -13.58 16.07
C THR A 312 -14.04 -12.81 14.73
N VAL A 313 -14.36 -11.52 14.76
CA VAL A 313 -14.16 -10.64 13.59
C VAL A 313 -12.95 -9.78 13.92
N THR A 314 -12.02 -9.69 12.96
CA THR A 314 -10.90 -8.77 13.11
C THR A 314 -10.52 -8.14 11.76
N LEU A 315 -9.47 -7.31 11.77
CA LEU A 315 -9.10 -6.54 10.57
C LEU A 315 -7.62 -6.59 10.35
N LEU A 316 -7.18 -6.37 9.10
CA LEU A 316 -5.76 -6.16 8.84
C LEU A 316 -5.51 -5.24 7.66
N GLY A 317 -4.29 -4.76 7.56
CA GLY A 317 -3.90 -3.91 6.45
C GLY A 317 -4.52 -2.53 6.51
N ASP A 318 -4.75 -1.96 5.32
CA ASP A 318 -5.34 -0.63 5.16
C ASP A 318 -6.74 -0.50 5.79
N ALA A 319 -7.48 -1.60 5.87
CA ALA A 319 -8.76 -1.64 6.57
C ALA A 319 -8.69 -1.00 7.96
N ILE A 320 -7.55 -1.11 8.61
CA ILE A 320 -7.38 -0.59 9.95
C ILE A 320 -6.18 0.38 10.09
N HIS A 321 -5.29 0.44 9.08
CA HIS A 321 -4.04 1.24 9.11
C HIS A 321 -3.99 2.51 8.31
N ASN A 322 -4.69 2.56 7.18
CA ASN A 322 -4.46 3.64 6.21
C ASN A 322 -5.74 4.04 5.58
N MSE A 323 -6.19 5.25 5.90
CA MSE A 323 -7.40 5.83 5.30
C MSE A 323 -7.14 6.34 3.90
O MSE A 323 -8.09 6.54 3.13
CB MSE A 323 -7.94 6.95 6.19
CG MSE A 323 -8.49 6.40 7.52
SE MSE A 323 -9.94 5.06 7.30
CE MSE A 323 -10.80 5.70 5.65
N THR A 324 -5.86 6.58 3.56
CA THR A 324 -5.44 6.90 2.19
C THR A 324 -4.55 5.76 1.64
N PRO A 325 -4.97 5.14 0.51
CA PRO A 325 -4.00 4.28 -0.19
C PRO A 325 -2.94 5.16 -0.87
N MSE A 326 -1.73 5.18 -0.31
CA MSE A 326 -0.76 6.25 -0.60
C MSE A 326 0.69 5.82 -0.61
O MSE A 326 1.01 4.65 -0.44
CB MSE A 326 -0.95 7.28 0.51
CG MSE A 326 -0.50 6.77 1.89
SE MSE A 326 -0.49 8.22 3.22
CE MSE A 326 0.50 7.28 4.64
N THR A 327 1.57 6.81 -0.83
CA THR A 327 3.01 6.63 -0.64
C THR A 327 3.20 6.40 0.83
N GLY A 328 3.97 5.37 1.15
CA GLY A 328 4.22 5.07 2.54
C GLY A 328 4.58 3.62 2.67
N SER A 329 4.13 3.03 3.76
CA SER A 329 4.53 1.68 4.10
C SER A 329 3.32 0.78 4.31
N GLY A 330 2.23 1.05 3.61
CA GLY A 330 1.01 0.29 3.79
C GLY A 330 1.18 -1.18 3.43
N ALA A 331 1.84 -1.47 2.31
CA ALA A 331 2.07 -2.86 1.93
C ALA A 331 2.87 -3.57 3.01
N ASN A 332 3.94 -2.93 3.48
CA ASN A 332 4.74 -3.56 4.50
C ASN A 332 3.97 -3.78 5.79
N THR A 333 3.13 -2.83 6.16
CA THR A 333 2.32 -2.97 7.39
C THR A 333 1.24 -4.05 7.24
N ALA A 334 0.62 -4.11 6.06
CA ALA A 334 -0.32 -5.20 5.77
C ALA A 334 0.35 -6.59 5.87
N LEU A 335 1.56 -6.70 5.34
CA LEU A 335 2.34 -7.94 5.45
C LEU A 335 2.71 -8.26 6.89
N ARG A 336 3.18 -7.25 7.61
CA ARG A 336 3.48 -7.39 9.02
C ARG A 336 2.28 -7.93 9.82
N ASP A 337 1.11 -7.34 9.58
CA ASP A 337 -0.14 -7.81 10.20
C ASP A 337 -0.41 -9.28 9.86
N ALA A 338 -0.21 -9.65 8.60
CA ALA A 338 -0.50 -11.02 8.13
C ALA A 338 0.37 -12.06 8.83
N LEU A 339 1.65 -11.74 8.98
CA LEU A 339 2.55 -12.62 9.70
C LEU A 339 2.13 -12.74 11.17
N LEU A 340 1.87 -11.59 11.78
CA LEU A 340 1.44 -11.58 13.18
C LEU A 340 0.14 -12.37 13.43
N LEU A 341 -0.88 -12.11 12.62
CA LEU A 341 -2.15 -12.81 12.76
C LEU A 341 -2.03 -14.31 12.47
N THR A 342 -1.20 -14.67 11.48
CA THR A 342 -0.86 -16.08 11.25
C THR A 342 -0.34 -16.74 12.55
N GLN A 343 0.64 -16.10 13.16
CA GLN A 343 1.28 -16.63 14.34
C GLN A 343 0.29 -16.78 15.50
N LYS A 344 -0.60 -15.80 15.67
CA LYS A 344 -1.60 -15.86 16.76
C LYS A 344 -2.69 -16.90 16.46
N LEU A 345 -3.21 -16.99 15.24
CA LEU A 345 -4.18 -18.03 14.92
C LEU A 345 -3.52 -19.42 14.97
N ALA A 346 -2.25 -19.52 14.60
CA ALA A 346 -1.57 -20.83 14.69
C ALA A 346 -1.51 -21.30 16.15
N SER A 347 -1.31 -20.38 17.09
CA SER A 347 -1.22 -20.75 18.51
C SER A 347 -2.57 -21.31 19.01
N VAL A 348 -3.66 -20.91 18.38
CA VAL A 348 -4.97 -21.46 18.67
C VAL A 348 -5.08 -22.86 18.03
N ALA A 349 -4.75 -22.95 16.75
CA ALA A 349 -4.79 -24.23 16.05
C ALA A 349 -3.94 -25.28 16.80
N SER A 350 -2.75 -24.89 17.25
CA SER A 350 -1.82 -25.85 17.82
C SER A 350 -2.17 -26.25 19.26
N GLY A 351 -3.14 -25.56 19.85
CA GLY A 351 -3.69 -25.90 21.16
C GLY A 351 -3.18 -25.06 22.33
N HIS A 352 -2.51 -23.94 22.06
CA HIS A 352 -1.80 -23.17 23.09
C HIS A 352 -2.57 -21.97 23.66
N GLU A 353 -3.59 -21.51 22.95
CA GLU A 353 -4.31 -20.30 23.36
C GLU A 353 -5.74 -20.34 22.85
N GLU A 354 -6.63 -19.68 23.57
CA GLU A 354 -8.01 -19.53 23.15
CA GLU A 354 -8.02 -19.52 23.15
C GLU A 354 -8.09 -18.54 22.01
N LEU A 355 -9.07 -18.74 21.15
CA LEU A 355 -9.24 -17.97 19.93
C LEU A 355 -9.34 -16.47 20.16
N VAL A 356 -10.34 -16.04 20.91
CA VAL A 356 -10.53 -14.61 21.12
C VAL A 356 -9.34 -13.98 21.86
N LYS A 357 -8.76 -14.68 22.83
CA LYS A 357 -7.56 -14.18 23.47
C LYS A 357 -6.42 -13.96 22.45
N ALA A 358 -6.21 -14.93 21.56
CA ALA A 358 -5.15 -14.83 20.55
C ALA A 358 -5.44 -13.63 19.61
N ILE A 359 -6.68 -13.47 19.20
CA ILE A 359 -7.08 -12.32 18.40
C ILE A 359 -6.79 -11.01 19.13
N SER A 360 -7.13 -10.96 20.42
CA SER A 360 -6.83 -9.79 21.27
C SER A 360 -5.37 -9.41 21.31
N ASP A 361 -4.50 -10.42 21.41
CA ASP A 361 -3.04 -10.26 21.43
C ASP A 361 -2.58 -9.62 20.12
N TYR A 362 -3.07 -10.19 19.02
CA TYR A 362 -2.78 -9.64 17.68
C TYR A 362 -3.18 -8.16 17.63
N GLU A 363 -4.41 -7.86 18.04
CA GLU A 363 -4.96 -6.50 17.95
C GLU A 363 -4.19 -5.51 18.79
N GLN A 364 -3.76 -5.94 19.97
CA GLN A 364 -3.00 -5.07 20.87
C GLN A 364 -1.60 -4.76 20.29
N GLN A 365 -0.92 -5.77 19.79
CA GLN A 365 0.38 -5.57 19.15
C GLN A 365 0.24 -4.71 17.91
N MSE A 366 -0.80 -4.97 17.14
CA MSE A 366 -0.99 -4.27 15.88
C MSE A 366 -1.26 -2.81 16.14
O MSE A 366 -0.68 -1.94 15.47
CB MSE A 366 -2.12 -4.93 15.09
CG MSE A 366 -2.40 -4.23 13.78
SE MSE A 366 -3.84 -2.90 14.00
CE MSE A 366 -5.28 -4.22 14.08
N ARG A 367 -2.12 -2.50 17.11
CA ARG A 367 -2.36 -1.11 17.49
C ARG A 367 -1.08 -0.37 17.86
N ALA A 368 -0.16 -1.03 18.55
CA ALA A 368 1.09 -0.37 18.97
C ALA A 368 1.91 0.10 17.77
N TYR A 369 2.17 -0.77 16.81
CA TYR A 369 2.93 -0.31 15.65
C TYR A 369 2.10 0.53 14.70
N ALA A 370 0.79 0.26 14.60
CA ALA A 370 -0.09 1.08 13.76
C ALA A 370 -0.09 2.54 14.18
N ASN A 371 -0.29 2.77 15.48
CA ASN A 371 -0.29 4.13 16.00
C ASN A 371 1.05 4.83 15.79
N GLU A 372 2.14 4.11 16.00
CA GLU A 372 3.44 4.71 15.79
C GLU A 372 3.59 5.11 14.32
N ILE A 373 3.22 4.21 13.41
CA ILE A 373 3.43 4.49 11.98
C ILE A 373 2.56 5.66 11.49
N VAL A 374 1.31 5.69 11.91
CA VAL A 374 0.37 6.77 11.54
C VAL A 374 0.94 8.11 11.96
N GLY A 375 1.47 8.16 13.18
CA GLY A 375 2.12 9.34 13.72
C GLY A 375 3.31 9.78 12.86
N ILE A 376 4.17 8.83 12.49
CA ILE A 376 5.32 9.14 11.64
C ILE A 376 4.87 9.68 10.28
N SER A 377 3.88 9.02 9.67
CA SER A 377 3.31 9.48 8.38
C SER A 377 2.73 10.88 8.43
N LEU A 378 1.97 11.17 9.48
CA LEU A 378 1.39 12.47 9.66
C LEU A 378 2.48 13.55 9.76
N ARG A 379 3.48 13.34 10.62
CA ARG A 379 4.55 14.32 10.76
C ARG A 379 5.35 14.53 9.46
N SER A 380 5.57 13.44 8.73
CA SER A 380 6.28 13.52 7.45
CA SER A 380 6.29 13.54 7.46
C SER A 380 5.50 14.38 6.46
N ALA A 381 4.20 14.16 6.36
CA ALA A 381 3.37 14.96 5.48
C ALA A 381 3.41 16.44 5.91
N GLN A 382 3.33 16.70 7.21
CA GLN A 382 3.33 18.07 7.68
C GLN A 382 4.69 18.73 7.40
N ASN A 383 5.75 17.96 7.54
CA ASN A 383 7.09 18.46 7.28
C ASN A 383 7.25 18.90 5.82
N ALA A 384 6.52 18.24 4.90
CA ALA A 384 6.63 18.64 3.50
C ALA A 384 6.17 20.10 3.28
N VAL A 385 5.20 20.55 4.07
CA VAL A 385 4.68 21.91 3.97
C VAL A 385 5.42 22.88 4.92
N ILE A 386 5.72 22.44 6.13
CA ILE A 386 6.39 23.33 7.13
C ILE A 386 7.91 23.40 7.02
N HIS A 387 8.56 22.28 6.71
CA HIS A 387 10.03 22.19 6.61
C HIS A 387 10.71 22.38 7.99
N PHE A 388 10.18 21.74 9.02
CA PHE A 388 10.80 21.87 10.36
C PHE A 388 12.05 20.99 10.51
N SER A 389 12.23 19.99 9.65
CA SER A 389 13.36 19.05 9.73
C SER A 389 14.67 19.52 9.09
N ILE A 390 14.62 20.51 8.20
CA ILE A 390 15.79 20.94 7.42
C ILE A 390 17.14 20.66 8.08
PA FAD B . -5.26 -3.94 -0.79
O1A FAD B . -3.92 -4.50 -1.21
O2A FAD B . -5.87 -2.68 -1.30
O5B FAD B . -6.34 -5.11 -0.93
C5B FAD B . -7.71 -4.93 -0.63
C4B FAD B . -8.43 -6.01 -1.40
O4B FAD B . -9.79 -6.08 -0.94
C3B FAD B . -8.48 -5.75 -2.93
O3B FAD B . -8.15 -6.92 -3.67
C2B FAD B . -9.92 -5.31 -3.13
O2B FAD B . -10.44 -5.58 -4.42
C1B FAD B . -10.63 -6.15 -2.07
N9A FAD B . -11.95 -5.66 -1.64
C8A FAD B . -12.29 -4.39 -1.31
N7A FAD B . -13.59 -4.32 -0.89
C5A FAD B . -14.07 -5.58 -0.98
C6A FAD B . -15.38 -6.21 -0.70
N6A FAD B . -16.38 -5.39 -0.28
N1A FAD B . -15.52 -7.53 -0.90
C2A FAD B . -14.48 -8.30 -1.32
N3A FAD B . -13.26 -7.80 -1.59
C4A FAD B . -12.99 -6.47 -1.44
N1 FAD B . 3.27 0.37 0.42
C2 FAD B . 4.52 0.08 0.82
O2 FAD B . 4.74 -0.56 1.90
N3 FAD B . 5.57 0.46 0.06
C4 FAD B . 5.49 1.17 -1.06
O4 FAD B . 6.52 1.48 -1.71
C4X FAD B . 4.15 1.56 -1.54
N5 FAD B . 3.97 2.27 -2.69
C5X FAD B . 2.72 2.61 -3.07
C6 FAD B . 2.52 3.36 -4.22
C7 FAD B . 1.22 3.73 -4.64
C7M FAD B . 1.00 4.54 -5.90
C8 FAD B . 0.07 3.31 -3.84
C8M FAD B . -1.35 3.67 -4.27
C9 FAD B . 0.26 2.56 -2.68
C9A FAD B . 1.53 2.19 -2.26
N10 FAD B . 1.73 1.43 -1.08
C10 FAD B . 3.03 1.11 -0.69
C1' FAD B . 0.61 1.03 -0.21
C2' FAD B . 0.10 -0.39 -0.50
O2' FAD B . -0.13 -0.58 -1.88
C3' FAD B . -1.18 -0.63 0.29
O3' FAD B . -1.02 -0.10 1.60
C4' FAD B . -1.49 -2.11 0.38
O4' FAD B . -2.06 -2.51 -0.86
C5' FAD B . -2.46 -2.44 1.49
O5' FAD B . -2.66 -3.84 1.48
P FAD B . -4.13 -4.38 1.84
O1P FAD B . -4.03 -5.88 1.63
O2P FAD B . -4.54 -3.81 3.17
O3P FAD B . -5.17 -3.74 0.81
C1 EDO C . -15.32 1.43 17.57
O1 EDO C . -16.37 1.79 16.66
C2 EDO C . -14.31 2.57 17.71
O2 EDO C . -13.03 2.07 18.16
C1 EDO D . 14.54 -1.74 7.34
O1 EDO D . 14.09 -1.97 6.00
C2 EDO D . 13.54 -0.89 8.13
O2 EDO D . 12.24 -1.51 8.19
C1 EDO E . 0.56 -22.27 1.04
O1 EDO E . -0.07 -21.32 0.24
C2 EDO E . 1.52 -21.58 1.97
O2 EDO E . 1.36 -22.10 3.23
C1 EDO F . 8.90 14.47 3.34
O1 EDO F . 7.50 14.31 3.17
C2 EDO F . 9.16 15.37 4.53
O2 EDO F . 9.50 14.62 5.72
C1 EDO G . 6.47 -0.57 7.98
O1 EDO G . 7.72 -0.20 8.56
C2 EDO G . 6.10 -1.95 8.49
O2 EDO G . 5.41 -1.86 9.73
C1 EDO H . 4.77 -24.23 2.59
O1 EDO H . 4.27 -25.39 3.26
C2 EDO H . 5.77 -23.59 3.52
O2 EDO H . 6.32 -22.37 3.07
C1 EDO I . 4.13 -16.67 -11.84
O1 EDO I . 3.26 -17.76 -11.58
C2 EDO I . 4.32 -15.87 -10.56
O2 EDO I . 5.40 -16.38 -9.77
C1 EDO J . -16.04 -4.46 19.66
O1 EDO J . -16.36 -5.84 19.49
C2 EDO J . -16.24 -3.71 18.36
O2 EDO J . -17.59 -3.80 17.89
C1 EDO K . 16.69 -8.86 -4.56
O1 EDO K . 16.31 -10.23 -4.74
C2 EDO K . 17.33 -8.25 -5.81
O2 EDO K . 18.06 -9.19 -6.61
C1 EDO L . -7.01 -8.70 -7.69
O1 EDO L . -7.08 -9.59 -6.56
C2 EDO L . -8.01 -7.59 -7.45
O2 EDO L . -7.61 -6.77 -6.35
#